data_7LJ0
#
_entry.id   7LJ0
#
_cell.length_a   1.00
_cell.length_b   1.00
_cell.length_c   1.00
_cell.angle_alpha   90.00
_cell.angle_beta   90.00
_cell.angle_gamma   90.00
#
_symmetry.space_group_name_H-M   'P 1'
#
loop_
_entity.id
_entity.type
_entity.pdbx_description
1 polymer 'Linker 3'
2 polymer 'B-phycoerythrin beta chain'
3 non-polymer PHYCOERYTHROBILIN
#
loop_
_entity_poly.entity_id
_entity_poly.type
_entity_poly.pdbx_seq_one_letter_code
_entity_poly.pdbx_strand_id
1 'polypeptide(L)'
;MAFVSGAGAAVRGTSGKAAARCAAVRTVRAARAIRMTTAPGSAPFSSLDEPERQVVMWESVGDEKDQVFKQLYRQVFGNA
YLMESDLEELLVPESQLLMGSISVKDFIKRVAKSDAYKKRFFEPCGPYRFVELCTKHFLGRGPRDQKEVSEHVQRLANEG
YDADVDSYMDSEEYMSLFGENGVPRFVFKGTYEGNDQFNRLAAMRQFADGSYTDTRSGSTAPRKAQKAELTMAEGDFVGR
AKVSRGLPAETSAAKTGTPPVRALKGPVNPRAGVRVRIKVVDNLYQVYEIPPMADPKAKVNAFWAKPIPSSLTKKY
;
A
2 'polypeptide(L)'
;MLDAFSRVVVNSDAKAAYVGGSDLQALKSFIADGNKRLDAVNSIVSNASCMVSDAVSGMICENPGLISPGG(MEN)CYTN
RRMAACLRDGEIILRYVSYALLAGDASVLEDRCLNGLKETYIALGVPTNSSIRAVSIMKAQAVAFITNTATERKMSFAAG
DCTSLASEVASYFDRVGAAIS
;
B
#
# COMPACT_ATOMS: atom_id res chain seq x y z
N VAL A 268 8.34 12.56 0.93
CA VAL A 268 9.55 12.56 0.07
C VAL A 268 10.31 11.23 0.18
N ASN A 269 10.95 10.94 1.31
CA ASN A 269 11.56 9.62 1.57
C ASN A 269 10.49 8.64 2.09
N PRO A 270 10.12 7.58 1.36
CA PRO A 270 9.06 6.68 1.78
C PRO A 270 9.48 5.75 2.93
N ARG A 271 10.79 5.54 3.16
CA ARG A 271 11.29 4.70 4.26
C ARG A 271 11.01 5.29 5.63
N ALA A 272 10.70 6.59 5.71
CA ALA A 272 10.48 7.31 6.95
C ALA A 272 9.34 6.74 7.81
N GLY A 273 9.40 6.96 9.11
CA GLY A 273 8.23 6.77 9.98
C GLY A 273 7.20 7.87 9.81
N VAL A 274 6.08 7.76 10.53
CA VAL A 274 5.03 8.79 10.60
C VAL A 274 4.61 8.96 12.06
N ARG A 275 4.42 10.22 12.52
CA ARG A 275 3.91 10.57 13.87
C ARG A 275 2.69 11.51 13.74
N VAL A 276 1.53 11.22 14.37
CA VAL A 276 0.35 12.08 14.42
C VAL A 276 0.00 12.37 15.88
N ARG A 277 -0.39 13.64 16.16
CA ARG A 277 -0.77 14.19 17.48
C ARG A 277 -2.29 14.48 17.50
N ILE A 278 -3.08 13.84 18.38
CA ILE A 278 -4.53 14.09 18.55
C ILE A 278 -4.75 14.81 19.87
N LYS A 279 -5.34 16.01 19.89
CA LYS A 279 -5.75 16.65 21.16
C LYS A 279 -6.95 15.94 21.76
N VAL A 280 -6.84 15.48 23.00
CA VAL A 280 -7.99 14.98 23.79
C VAL A 280 -8.61 16.13 24.60
N VAL A 281 -7.75 16.86 25.30
CA VAL A 281 -8.02 17.98 26.21
C VAL A 281 -6.81 18.93 26.08
N ASP A 282 -6.91 20.17 26.53
CA ASP A 282 -5.72 21.00 26.74
C ASP A 282 -4.65 20.23 27.52
N ASN A 283 -3.42 20.18 26.98
CA ASN A 283 -2.26 19.49 27.54
C ASN A 283 -2.34 17.94 27.59
N LEU A 284 -3.23 17.28 26.84
CA LEU A 284 -3.27 15.82 26.72
C LEU A 284 -3.44 15.37 25.26
N TYR A 285 -2.58 14.46 24.81
CA TYR A 285 -2.52 14.02 23.43
C TYR A 285 -2.48 12.51 23.27
N GLN A 286 -3.09 11.99 22.19
CA GLN A 286 -3.01 10.58 21.80
C GLN A 286 -1.96 10.56 20.66
N VAL A 287 -0.92 9.73 20.73
CA VAL A 287 0.16 9.63 19.76
C VAL A 287 -0.01 8.37 18.94
N TYR A 288 -0.10 8.52 17.62
CA TYR A 288 -0.19 7.41 16.67
C TYR A 288 1.07 7.35 15.81
N GLU A 289 1.72 6.17 15.73
CA GLU A 289 3.00 5.98 15.06
C GLU A 289 2.93 4.95 13.94
N ILE A 290 3.60 5.20 12.82
CA ILE A 290 3.95 4.17 11.83
C ILE A 290 5.49 4.07 11.83
N PRO A 291 6.09 2.91 12.09
CA PRO A 291 7.54 2.81 12.21
C PRO A 291 8.24 2.99 10.85
N PRO A 292 9.51 3.41 10.82
CA PRO A 292 10.31 3.41 9.61
C PRO A 292 10.44 2.00 9.02
N MET A 293 10.58 1.91 7.70
CA MET A 293 10.55 0.64 6.97
C MET A 293 11.85 -0.16 7.13
N ALA A 294 11.75 -1.49 7.19
CA ALA A 294 12.86 -2.40 7.44
C ALA A 294 13.66 -2.71 6.17
N ASP B 33 -16.02 9.69 12.48
CA ASP B 33 -15.70 8.34 12.04
C ASP B 33 -14.20 8.07 12.15
N GLY B 34 -13.48 8.94 12.85
CA GLY B 34 -12.03 8.92 12.78
C GLY B 34 -11.48 7.67 13.40
N ASN B 35 -12.11 7.14 14.44
CA ASN B 35 -11.63 5.85 14.99
C ASN B 35 -11.61 4.70 14.01
N LYS B 36 -12.59 4.66 13.09
CA LYS B 36 -12.64 3.64 12.08
C LYS B 36 -11.46 3.78 11.14
N ARG B 37 -11.09 5.03 10.82
CA ARG B 37 -10.00 5.29 9.88
C ARG B 37 -8.69 4.83 10.51
N LEU B 38 -8.55 5.06 11.79
CA LEU B 38 -7.32 4.64 12.46
C LEU B 38 -7.20 3.11 12.49
N ASP B 39 -8.30 2.45 12.85
CA ASP B 39 -8.37 0.97 12.69
C ASP B 39 -8.02 0.51 11.27
N ALA B 40 -8.51 1.22 10.26
CA ALA B 40 -8.33 0.74 8.90
C ALA B 40 -6.86 0.81 8.52
N VAL B 41 -6.24 1.94 8.86
CA VAL B 41 -4.81 2.07 8.69
C VAL B 41 -3.99 1.00 9.47
N ASN B 42 -4.33 0.81 10.74
CA ASN B 42 -3.68 -0.22 11.53
C ASN B 42 -3.81 -1.61 10.87
N SER B 43 -4.99 -1.93 10.31
CA SER B 43 -5.16 -3.24 9.69
C SER B 43 -4.24 -3.47 8.52
N ILE B 44 -3.96 -2.41 7.74
CA ILE B 44 -2.98 -2.47 6.65
C ILE B 44 -1.51 -2.55 7.13
N VAL B 45 -1.11 -1.63 7.96
CA VAL B 45 0.30 -1.59 8.37
C VAL B 45 0.68 -2.88 9.13
N SER B 46 -0.28 -3.44 9.88
CA SER B 46 0.00 -4.65 10.66
C SER B 46 0.21 -5.90 9.81
N ASN B 47 -0.22 -5.82 8.56
CA ASN B 47 -0.04 -6.92 7.62
C ASN B 47 0.74 -6.58 6.36
N ALA B 48 1.45 -5.45 6.40
CA ALA B 48 2.06 -4.89 5.23
C ALA B 48 3.10 -5.79 4.61
N SER B 49 3.93 -6.46 5.41
CA SER B 49 4.92 -7.40 4.85
C SER B 49 4.29 -8.53 4.04
N CYS B 50 3.27 -9.17 4.63
CA CYS B 50 2.63 -10.34 4.00
C CYS B 50 1.96 -9.80 2.75
N MET B 51 1.36 -8.63 2.84
CA MET B 51 0.68 -8.06 1.64
C MET B 51 1.61 -7.94 0.46
N VAL B 52 2.75 -7.29 0.66
CA VAL B 52 3.70 -7.10 -0.41
C VAL B 52 4.24 -8.42 -0.98
N SER B 53 4.66 -9.36 -0.13
CA SER B 53 5.28 -10.57 -0.66
C SER B 53 4.22 -11.39 -1.46
N ASP B 54 3.04 -11.49 -0.89
CA ASP B 54 1.93 -12.27 -1.54
C ASP B 54 1.51 -11.60 -2.86
N ALA B 55 1.51 -10.26 -2.94
CA ALA B 55 1.13 -9.59 -4.23
C ALA B 55 2.16 -9.75 -5.34
N VAL B 56 3.43 -9.56 -4.98
CA VAL B 56 4.48 -9.68 -5.96
C VAL B 56 4.61 -11.18 -6.33
N SER B 57 4.40 -12.07 -5.36
CA SER B 57 4.46 -13.54 -5.67
C SER B 57 3.32 -13.91 -6.60
N GLY B 58 2.16 -13.30 -6.35
CA GLY B 58 0.97 -13.50 -7.21
C GLY B 58 1.17 -12.99 -8.64
N MET B 59 1.74 -11.78 -8.79
CA MET B 59 2.05 -11.23 -10.10
C MET B 59 2.95 -12.21 -10.89
N ILE B 60 3.94 -12.79 -10.18
CA ILE B 60 4.87 -13.77 -10.78
C ILE B 60 4.22 -15.08 -11.12
N CYS B 61 3.38 -15.62 -10.23
CA CYS B 61 2.84 -16.96 -10.54
C CYS B 61 1.83 -16.90 -11.69
N GLU B 62 1.18 -15.76 -11.85
CA GLU B 62 0.35 -15.50 -13.05
C GLU B 62 1.09 -15.26 -14.36
N ASN B 63 2.35 -14.81 -14.29
CA ASN B 63 3.15 -14.41 -15.43
C ASN B 63 4.59 -14.85 -15.22
N PRO B 64 4.86 -16.17 -15.28
CA PRO B 64 6.17 -16.65 -14.80
C PRO B 64 7.33 -16.23 -15.67
N GLY B 65 7.03 -15.75 -16.88
CA GLY B 65 8.05 -15.06 -17.70
C GLY B 65 8.86 -13.95 -17.04
N LEU B 66 8.27 -13.31 -16.05
CA LEU B 66 8.91 -12.27 -15.26
C LEU B 66 10.16 -12.75 -14.57
N ILE B 67 10.22 -14.07 -14.32
CA ILE B 67 11.32 -14.76 -13.58
C ILE B 67 12.34 -15.41 -14.54
N SER B 68 12.00 -15.56 -15.83
CA SER B 68 12.91 -16.10 -16.82
C SER B 68 14.02 -15.11 -17.13
N PRO B 69 15.14 -15.59 -17.71
CA PRO B 69 16.19 -14.64 -18.07
C PRO B 69 15.64 -13.60 -19.02
N GLY B 70 16.09 -12.36 -18.86
CA GLY B 70 15.42 -11.27 -19.57
C GLY B 70 14.09 -10.77 -18.98
N GLY B 71 13.48 -11.51 -18.04
CA GLY B 71 12.30 -11.01 -17.31
C GLY B 71 12.70 -9.96 -16.30
N CYS B 73 11.88 -9.45 -13.23
CA CYS B 73 12.17 -9.90 -11.86
C CYS B 73 13.26 -10.95 -11.77
N TYR B 74 14.01 -11.12 -12.87
CA TYR B 74 15.03 -12.16 -12.90
C TYR B 74 16.24 -11.61 -12.15
N THR B 75 16.89 -12.48 -11.36
CA THR B 75 18.00 -12.18 -10.40
C THR B 75 17.45 -11.65 -9.10
N ASN B 76 18.17 -11.93 -8.02
CA ASN B 76 17.78 -11.38 -6.73
C ASN B 76 17.74 -9.86 -6.66
N ARG B 77 18.68 -9.17 -7.33
CA ARG B 77 18.69 -7.69 -7.36
C ARG B 77 17.39 -7.15 -7.90
N ARG B 78 16.90 -7.73 -8.99
CA ARG B 78 15.61 -7.23 -9.47
C ARG B 78 14.41 -7.54 -8.61
N MET B 79 14.34 -8.77 -8.10
CA MET B 79 13.23 -9.20 -7.27
C MET B 79 13.24 -8.32 -6.01
N ALA B 80 14.42 -7.98 -5.49
CA ALA B 80 14.44 -7.14 -4.29
C ALA B 80 13.92 -5.74 -4.64
N ALA B 81 14.29 -5.23 -5.81
CA ALA B 81 13.87 -3.87 -6.18
C ALA B 81 12.33 -3.83 -6.36
N CYS B 82 11.80 -4.90 -6.93
CA CYS B 82 10.36 -4.99 -7.12
C CYS B 82 9.62 -5.10 -5.78
N LEU B 83 10.11 -5.98 -4.90
CA LEU B 83 9.53 -6.04 -3.58
C LEU B 83 9.61 -4.66 -2.90
N ARG B 84 10.75 -4.00 -3.04
CA ARG B 84 10.89 -2.64 -2.45
C ARG B 84 9.82 -1.71 -3.00
N ASP B 85 9.60 -1.73 -4.31
CA ASP B 85 8.63 -0.80 -4.93
C ASP B 85 7.22 -1.15 -4.42
N GLY B 86 6.92 -2.45 -4.26
CA GLY B 86 5.61 -2.83 -3.70
C GLY B 86 5.36 -2.17 -2.35
N GLU B 87 6.38 -2.30 -1.49
CA GLU B 87 6.32 -1.71 -0.16
C GLU B 87 6.16 -0.19 -0.22
N ILE B 88 6.94 0.46 -1.07
CA ILE B 88 6.86 1.95 -1.21
C ILE B 88 5.44 2.38 -1.59
N ILE B 89 4.89 1.73 -2.62
CA ILE B 89 3.57 2.06 -3.04
C ILE B 89 2.54 1.86 -1.95
N LEU B 90 2.60 0.72 -1.26
CA LEU B 90 1.70 0.46 -0.14
C LEU B 90 1.86 1.52 0.96
N ARG B 91 3.12 1.90 1.21
CA ARG B 91 3.45 2.91 2.25
C ARG B 91 2.74 4.23 1.90
N TYR B 92 2.87 4.67 0.64
CA TYR B 92 2.22 5.92 0.16
C TYR B 92 0.70 5.78 0.29
N VAL B 93 0.14 4.70 -0.26
CA VAL B 93 -1.33 4.47 -0.16
C VAL B 93 -1.82 4.51 1.31
N SER B 94 -1.05 3.96 2.26
CA SER B 94 -1.44 3.99 3.67
C SER B 94 -1.41 5.42 4.22
N TYR B 95 -0.44 6.24 3.83
CA TYR B 95 -0.51 7.67 4.15
C TYR B 95 -1.76 8.36 3.64
N ALA B 96 -2.10 8.11 2.36
CA ALA B 96 -3.23 8.74 1.79
C ALA B 96 -4.49 8.38 2.59
N LEU B 97 -4.57 7.11 3.03
CA LEU B 97 -5.73 6.70 3.81
C LEU B 97 -5.76 7.36 5.19
N LEU B 98 -4.57 7.50 5.79
CA LEU B 98 -4.42 8.16 7.12
C LEU B 98 -4.73 9.65 6.99
N ALA B 99 -4.48 10.23 5.81
CA ALA B 99 -4.75 11.67 5.60
C ALA B 99 -6.15 12.01 5.04
N GLY B 100 -6.82 11.00 4.46
CA GLY B 100 -8.07 11.24 3.72
C GLY B 100 -7.88 12.14 2.50
N ASP B 101 -6.72 12.05 1.88
CA ASP B 101 -6.45 12.83 0.65
C ASP B 101 -5.31 12.17 -0.12
N ALA B 102 -5.47 12.12 -1.43
CA ALA B 102 -4.47 11.48 -2.30
C ALA B 102 -3.17 12.28 -2.54
N SER B 103 -3.12 13.56 -2.14
CA SER B 103 -1.97 14.39 -2.55
C SER B 103 -0.59 13.79 -2.21
N VAL B 104 -0.43 13.20 -1.04
CA VAL B 104 0.92 12.72 -0.69
C VAL B 104 1.39 11.63 -1.67
N LEU B 105 0.42 10.78 -2.06
CA LEU B 105 0.65 9.67 -2.99
C LEU B 105 0.98 10.26 -4.38
N GLU B 106 0.19 11.23 -4.84
CA GLU B 106 0.35 11.74 -6.21
C GLU B 106 1.66 12.53 -6.26
N ASP B 107 1.89 13.38 -5.27
CA ASP B 107 3.07 14.28 -5.31
C ASP B 107 4.37 13.56 -5.11
N ARG B 108 4.41 12.66 -4.12
CA ARG B 108 5.69 12.06 -3.72
C ARG B 108 5.99 10.70 -4.33
N CYS B 109 5.00 10.02 -4.85
CA CYS B 109 5.20 8.65 -5.32
C CYS B 109 4.85 8.51 -6.77
N LEU B 110 3.69 9.03 -7.17
CA LEU B 110 3.18 8.83 -8.56
C LEU B 110 3.74 9.79 -9.63
N ASN B 111 4.04 11.00 -9.22
CA ASN B 111 4.68 11.99 -10.09
C ASN B 111 6.07 11.58 -10.61
N GLY B 112 6.20 11.34 -11.89
CA GLY B 112 7.51 10.86 -12.34
C GLY B 112 7.63 9.35 -12.53
N LEU B 113 6.75 8.57 -11.90
CA LEU B 113 6.94 7.13 -11.85
C LEU B 113 6.80 6.45 -13.22
N LYS B 114 5.80 6.85 -14.00
CA LYS B 114 5.63 6.32 -15.37
C LYS B 114 6.86 6.45 -16.24
N GLU B 115 7.45 7.66 -16.27
CA GLU B 115 8.68 7.98 -17.01
C GLU B 115 9.84 7.12 -16.50
N THR B 116 9.95 6.98 -15.16
CA THR B 116 10.98 6.18 -14.57
C THR B 116 10.83 4.74 -15.03
N TYR B 117 9.62 4.22 -14.98
CA TYR B 117 9.46 2.82 -15.28
C TYR B 117 9.76 2.56 -16.79
N ILE B 118 9.26 3.46 -17.62
CA ILE B 118 9.60 3.40 -19.06
C ILE B 118 11.11 3.37 -19.32
N ALA B 119 11.81 4.27 -18.65
CA ALA B 119 13.25 4.42 -18.82
C ALA B 119 13.96 3.17 -18.29
N LEU B 120 13.48 2.62 -17.19
CA LEU B 120 14.06 1.40 -16.66
C LEU B 120 13.65 0.11 -17.39
N GLY B 121 12.53 0.11 -18.10
CA GLY B 121 12.02 -1.14 -18.61
C GLY B 121 11.21 -1.97 -17.62
N VAL B 122 10.78 -1.34 -16.54
CA VAL B 122 9.85 -1.96 -15.60
C VAL B 122 8.49 -2.07 -16.22
N PRO B 123 7.99 -3.31 -16.32
CA PRO B 123 6.70 -3.49 -16.99
C PRO B 123 5.52 -2.92 -16.20
N THR B 124 4.84 -1.92 -16.77
CA THR B 124 3.79 -1.23 -16.00
C THR B 124 2.55 -2.08 -15.95
N ASN B 125 2.30 -2.89 -16.97
CA ASN B 125 1.13 -3.78 -16.81
C ASN B 125 1.25 -4.83 -15.67
N SER B 126 2.44 -5.41 -15.47
CA SER B 126 2.68 -6.31 -14.32
C SER B 126 2.63 -5.52 -13.01
N SER B 127 3.22 -4.33 -13.02
CA SER B 127 3.09 -3.46 -11.81
C SER B 127 1.60 -3.27 -11.42
N ILE B 128 0.75 -2.99 -12.42
CA ILE B 128 -0.63 -2.76 -12.10
C ILE B 128 -1.33 -3.98 -11.51
N ARG B 129 -0.95 -5.20 -11.98
CA ARG B 129 -1.43 -6.39 -11.32
C ARG B 129 -0.97 -6.57 -9.86
N ALA B 130 0.27 -6.28 -9.59
CA ALA B 130 0.73 -6.36 -8.17
C ALA B 130 -0.14 -5.43 -7.29
N VAL B 131 -0.35 -4.21 -7.76
CA VAL B 131 -1.12 -3.16 -7.05
C VAL B 131 -2.57 -3.60 -6.91
N SER B 132 -3.12 -4.30 -7.90
CA SER B 132 -4.50 -4.73 -7.81
C SER B 132 -4.65 -5.86 -6.81
N ILE B 133 -3.61 -6.66 -6.62
CA ILE B 133 -3.72 -7.69 -5.65
C ILE B 133 -3.65 -6.99 -4.24
N MET B 134 -2.78 -5.98 -4.09
CA MET B 134 -2.70 -5.33 -2.78
C MET B 134 -4.03 -4.59 -2.49
N LYS B 135 -4.67 -4.11 -3.56
CA LYS B 135 -6.01 -3.50 -3.37
C LYS B 135 -7.00 -4.51 -2.78
N ALA B 136 -7.06 -5.74 -3.34
CA ALA B 136 -7.94 -6.79 -2.83
C ALA B 136 -7.61 -7.19 -1.38
N GLN B 137 -6.32 -7.23 -1.07
CA GLN B 137 -5.88 -7.53 0.30
C GLN B 137 -6.35 -6.44 1.26
N ALA B 138 -6.15 -5.17 0.89
CA ALA B 138 -6.44 -4.06 1.84
C ALA B 138 -7.95 -3.99 2.05
N VAL B 139 -8.72 -4.16 0.96
CA VAL B 139 -10.18 -4.16 1.13
C VAL B 139 -10.57 -5.26 2.12
N ALA B 140 -9.92 -6.42 2.03
CA ALA B 140 -10.25 -7.51 2.94
C ALA B 140 -9.90 -7.23 4.37
N PHE B 141 -8.70 -6.69 4.62
CA PHE B 141 -8.33 -6.39 6.00
C PHE B 141 -9.21 -5.28 6.63
N ILE B 142 -9.49 -4.25 5.85
CA ILE B 142 -10.31 -3.13 6.34
C ILE B 142 -11.71 -3.58 6.75
N THR B 143 -12.29 -4.51 6.00
CA THR B 143 -13.65 -4.99 6.27
C THR B 143 -13.65 -6.29 7.08
N ASN B 144 -12.44 -6.68 7.51
CA ASN B 144 -12.23 -7.88 8.34
C ASN B 144 -12.74 -9.13 7.64
N THR B 145 -12.53 -9.23 6.34
CA THR B 145 -13.04 -10.36 5.59
C THR B 145 -11.85 -11.15 4.99
N ALA B 146 -10.64 -10.97 5.56
CA ALA B 146 -9.54 -11.82 5.07
C ALA B 146 -9.80 -13.27 5.51
N THR B 147 -9.41 -14.21 4.67
CA THR B 147 -9.66 -15.65 5.00
C THR B 147 -8.65 -16.21 5.97
N GLU B 148 -7.42 -15.67 5.98
CA GLU B 148 -6.30 -16.23 6.76
C GLU B 148 -5.96 -15.45 8.03
N ARG B 149 -6.61 -14.31 8.24
CA ARG B 149 -6.28 -13.51 9.46
C ARG B 149 -7.43 -12.58 9.86
N LYS B 150 -7.95 -12.74 11.07
CA LYS B 150 -8.99 -11.84 11.59
C LYS B 150 -8.37 -10.91 12.60
N MET B 151 -8.84 -9.67 12.64
CA MET B 151 -8.40 -8.76 13.68
C MET B 151 -9.62 -8.30 14.45
N SER B 152 -9.38 -7.43 15.39
CA SER B 152 -10.31 -7.13 16.47
C SER B 152 -10.91 -5.74 16.33
N PHE B 153 -12.23 -5.66 16.10
CA PHE B 153 -12.93 -4.35 15.98
C PHE B 153 -14.31 -4.36 16.64
N ALA B 154 -14.77 -3.18 17.06
CA ALA B 154 -16.18 -2.98 17.43
C ALA B 154 -17.04 -3.04 16.20
N ALA B 155 -18.23 -3.63 16.34
CA ALA B 155 -19.04 -3.89 15.16
C ALA B 155 -19.46 -2.55 14.51
N GLY B 156 -19.46 -2.52 13.18
CA GLY B 156 -19.96 -1.34 12.46
C GLY B 156 -19.61 -1.54 11.00
N ASP B 157 -19.59 -0.46 10.24
CA ASP B 157 -19.38 -0.63 8.82
C ASP B 157 -18.20 0.19 8.34
N CYS B 158 -17.30 -0.44 7.60
CA CYS B 158 -16.16 0.30 7.03
C CYS B 158 -16.12 0.33 5.52
N THR B 159 -17.29 0.26 4.89
CA THR B 159 -17.27 0.15 3.44
C THR B 159 -16.78 1.40 2.72
N SER B 160 -17.12 2.57 3.25
CA SER B 160 -16.60 3.84 2.74
C SER B 160 -15.08 3.83 2.74
N LEU B 161 -14.51 3.44 3.89
CA LEU B 161 -13.02 3.42 3.93
C LEU B 161 -12.42 2.42 2.90
N ALA B 162 -13.07 1.29 2.73
CA ALA B 162 -12.55 0.28 1.81
C ALA B 162 -12.65 0.84 0.39
N SER B 163 -13.76 1.50 0.06
CA SER B 163 -13.93 2.11 -1.23
C SER B 163 -12.91 3.24 -1.46
N GLU B 164 -12.60 3.99 -0.40
CA GLU B 164 -11.59 5.06 -0.48
C GLU B 164 -10.21 4.46 -0.73
N VAL B 165 -9.82 3.44 0.03
CA VAL B 165 -8.47 2.91 -0.16
C VAL B 165 -8.38 2.32 -1.56
N ALA B 166 -9.48 1.73 -2.07
CA ALA B 166 -9.47 1.24 -3.45
C ALA B 166 -9.18 2.35 -4.46
N SER B 167 -9.76 3.51 -4.24
CA SER B 167 -9.56 4.62 -5.14
C SER B 167 -8.09 5.07 -5.11
N TYR B 168 -7.42 4.91 -3.98
CA TYR B 168 -6.00 5.29 -3.92
C TYR B 168 -5.20 4.31 -4.73
N PHE B 169 -5.48 3.01 -4.56
CA PHE B 169 -4.72 2.01 -5.33
C PHE B 169 -4.93 2.20 -6.84
N ASP B 170 -6.17 2.51 -7.22
CA ASP B 170 -6.53 2.72 -8.66
C ASP B 170 -5.79 3.94 -9.25
N ARG B 171 -5.47 4.92 -8.42
CA ARG B 171 -4.63 6.04 -8.89
C ARG B 171 -3.23 5.62 -9.35
N VAL B 172 -2.64 4.60 -8.70
CA VAL B 172 -1.37 4.06 -9.17
C VAL B 172 -1.45 3.61 -10.65
N GLY B 173 -2.38 2.69 -10.96
CA GLY B 173 -2.52 2.24 -12.34
C GLY B 173 -2.76 3.39 -13.27
N ALA B 174 -3.65 4.31 -12.85
CA ALA B 174 -3.96 5.48 -13.65
C ALA B 174 -2.72 6.29 -13.98
N ALA B 175 -1.80 6.41 -13.03
CA ALA B 175 -0.60 7.18 -13.26
C ALA B 175 0.35 6.48 -14.24
N ILE B 176 0.42 5.15 -14.21
CA ILE B 176 1.51 4.48 -14.92
C ILE B 176 1.06 3.77 -16.18
N SER B 177 -0.26 3.70 -16.39
CA SER B 177 -0.82 3.13 -17.62
C SER B 177 -0.34 3.90 -18.86
#